data_7EUE
#
_entry.id   7EUE
#
_cell.length_a   66.791
_cell.length_b   66.791
_cell.length_c   116.595
_cell.angle_alpha   90.000
_cell.angle_beta   90.000
_cell.angle_gamma   120.000
#
_symmetry.space_group_name_H-M   'P 32 2 1'
#
loop_
_entity.id
_entity.type
_entity.pdbx_description
1 polymer 'Cupin domain-containing protein'
2 non-polymer 'FE (III) ION'
3 non-polymer '3-(1H-INDOL-3-YL)-2-OXOPROPANOIC ACID'
4 water water
#
_entity_poly.entity_id   1
_entity_poly.type   'polypeptide(L)'
_entity_poly.pdbx_seq_one_letter_code
;MTVQDKAAGSDAEIVTALPVPLAVAGHHQPAPFYLTADMFGGLPVQLAGGELSKLVGKPVAAPHVHEVDELYFLVSPEPG
QARIEVHLDGVRHELVSPAVMRIPAGSEHCFLTLEATVGSYCFGILVGDRL
;
_entity_poly.pdbx_strand_id   A,B
#
# COMPACT_ATOMS: atom_id res chain seq x y z
N ASP A 11 9.82 -22.80 4.60
CA ASP A 11 10.56 -21.99 3.64
C ASP A 11 9.70 -20.87 3.05
N ALA A 12 9.17 -20.02 3.94
CA ALA A 12 8.38 -18.87 3.55
C ALA A 12 9.24 -17.78 2.92
N GLU A 13 8.67 -17.07 1.94
CA GLU A 13 9.36 -15.99 1.23
C GLU A 13 9.01 -14.66 1.90
N ILE A 14 10.01 -14.08 2.56
CA ILE A 14 9.89 -12.86 3.35
C ILE A 14 10.91 -11.86 2.83
N VAL A 15 10.49 -10.61 2.64
CA VAL A 15 11.37 -9.50 2.24
C VAL A 15 11.38 -8.46 3.36
N THR A 16 12.54 -8.18 3.92
CA THR A 16 12.67 -7.15 4.94
C THR A 16 13.75 -6.12 4.62
N ALA A 17 14.47 -6.28 3.52
CA ALA A 17 15.45 -5.29 3.07
C ALA A 17 14.63 -4.22 2.35
N LEU A 18 14.01 -3.35 3.15
CA LEU A 18 12.99 -2.43 2.66
C LEU A 18 13.15 -1.09 3.36
N PRO A 19 12.79 0.01 2.68
CA PRO A 19 12.36 0.04 1.27
C PRO A 19 13.53 -0.19 0.32
N VAL A 20 13.21 -0.49 -0.94
CA VAL A 20 14.20 -0.59 -2.00
C VAL A 20 14.23 0.75 -2.73
N PRO A 21 15.31 1.54 -2.63
CA PRO A 21 15.35 2.81 -3.36
C PRO A 21 15.55 2.56 -4.84
N LEU A 22 14.66 3.13 -5.65
CA LEU A 22 14.76 3.06 -7.10
C LEU A 22 14.54 4.43 -7.69
N ALA A 23 15.31 4.77 -8.72
CA ALA A 23 15.16 6.06 -9.38
C ALA A 23 13.88 6.06 -10.18
N VAL A 24 13.16 7.19 -10.16
CA VAL A 24 11.93 7.34 -10.93
C VAL A 24 12.00 8.72 -11.60
N ALA A 25 11.48 8.82 -12.82
CA ALA A 25 11.66 10.02 -13.62
C ALA A 25 11.22 11.27 -12.86
N GLY A 26 12.08 12.29 -12.87
CA GLY A 26 11.73 13.55 -12.25
C GLY A 26 11.76 13.56 -10.74
N HIS A 27 12.01 12.42 -10.09
CA HIS A 27 12.07 12.41 -8.63
C HIS A 27 13.44 12.86 -8.16
N HIS A 28 13.45 13.77 -7.19
CA HIS A 28 14.70 14.37 -6.74
C HIS A 28 15.62 13.32 -6.14
N GLN A 29 15.06 12.38 -5.38
CA GLN A 29 15.80 11.30 -4.76
C GLN A 29 15.18 9.99 -5.21
N PRO A 30 15.90 8.88 -5.09
CA PRO A 30 15.28 7.56 -5.34
C PRO A 30 14.04 7.38 -4.49
N ALA A 31 13.00 6.82 -5.09
CA ALA A 31 11.72 6.58 -4.43
C ALA A 31 11.78 5.29 -3.63
N PRO A 32 11.12 5.23 -2.47
CA PRO A 32 11.18 4.02 -1.63
C PRO A 32 10.12 3.01 -2.06
N PHE A 33 10.59 1.89 -2.62
CA PHE A 33 9.66 0.86 -3.10
C PHE A 33 9.51 -0.22 -2.04
N TYR A 34 8.28 -0.71 -1.89
CA TYR A 34 8.04 -1.86 -1.01
C TYR A 34 7.68 -3.11 -1.78
N LEU A 35 7.12 -2.99 -2.98
CA LEU A 35 6.96 -4.11 -3.91
C LEU A 35 7.60 -3.71 -5.24
N THR A 36 8.49 -4.55 -5.77
CA THR A 36 9.10 -4.32 -7.07
C THR A 36 8.75 -5.47 -8.00
N ALA A 37 8.89 -5.23 -9.31
CA ALA A 37 8.37 -6.19 -10.30
C ALA A 37 9.05 -7.55 -10.25
N ASP A 38 10.27 -7.64 -9.73
CA ASP A 38 11.00 -8.90 -9.70
C ASP A 38 10.77 -9.73 -8.43
N MET A 39 10.10 -9.20 -7.42
CA MET A 39 9.93 -9.95 -6.18
C MET A 39 9.08 -11.20 -6.42
N PHE A 40 9.42 -12.26 -5.68
CA PHE A 40 8.59 -13.46 -5.60
C PHE A 40 8.38 -14.08 -6.97
N GLY A 41 9.40 -14.04 -7.82
CA GLY A 41 9.25 -14.56 -9.15
C GLY A 41 8.52 -13.65 -10.12
N GLY A 42 8.17 -12.43 -9.71
CA GLY A 42 7.50 -11.56 -10.68
C GLY A 42 6.15 -11.13 -10.18
N LEU A 43 5.94 -9.81 -10.20
CA LEU A 43 4.70 -9.20 -9.74
C LEU A 43 4.10 -8.34 -10.85
N PRO A 44 2.78 -8.24 -10.93
CA PRO A 44 2.17 -7.36 -11.94
C PRO A 44 2.05 -5.92 -11.50
N VAL A 45 2.56 -5.57 -10.32
CA VAL A 45 2.55 -4.20 -9.86
C VAL A 45 3.89 -3.90 -9.21
N GLN A 46 4.17 -2.61 -9.08
CA GLN A 46 5.20 -2.10 -8.19
C GLN A 46 4.55 -1.08 -7.28
N LEU A 47 5.06 -0.96 -6.07
CA LEU A 47 4.44 -0.15 -5.03
C LEU A 47 5.53 0.66 -4.35
N ALA A 48 5.38 1.98 -4.41
CA ALA A 48 6.33 2.90 -3.79
C ALA A 48 5.56 3.87 -2.92
N GLY A 49 6.21 4.43 -1.92
CA GLY A 49 5.57 5.51 -1.20
C GLY A 49 6.08 5.60 0.22
N GLY A 50 5.34 6.33 1.04
CA GLY A 50 5.82 6.57 2.38
C GLY A 50 4.85 7.40 3.17
N GLU A 51 5.20 7.55 4.44
CA GLU A 51 4.41 8.33 5.36
C GLU A 51 4.65 9.82 5.08
N LEU A 52 3.60 10.63 5.20
CA LEU A 52 3.61 11.97 4.62
C LEU A 52 3.84 13.08 5.65
N SER A 53 3.95 12.75 6.93
CA SER A 53 3.87 13.77 7.97
C SER A 53 4.98 14.80 7.88
N LYS A 54 6.12 14.44 7.30
CA LYS A 54 7.23 15.36 7.11
C LYS A 54 7.37 15.85 5.67
N LEU A 55 6.40 15.55 4.80
CA LEU A 55 6.44 15.95 3.39
C LEU A 55 5.50 17.11 3.08
N VAL A 56 4.85 17.69 4.10
CA VAL A 56 3.88 18.74 3.84
C VAL A 56 4.60 19.90 3.18
N GLY A 57 4.12 20.31 2.01
CA GLY A 57 4.71 21.38 1.25
C GLY A 57 5.97 21.04 0.48
N LYS A 58 6.42 19.79 0.50
CA LYS A 58 7.71 19.44 -0.10
C LYS A 58 7.48 18.36 -1.15
N PRO A 59 7.40 18.71 -2.42
CA PRO A 59 7.13 17.71 -3.44
C PRO A 59 8.31 16.77 -3.65
N VAL A 60 8.01 15.48 -3.81
CA VAL A 60 9.08 14.51 -3.98
C VAL A 60 9.59 14.49 -5.42
N ALA A 61 8.86 15.11 -6.34
CA ALA A 61 9.20 15.01 -7.75
C ALA A 61 8.61 16.16 -8.56
N ALA A 62 9.26 16.45 -9.69
CA ALA A 62 8.76 17.40 -10.66
C ALA A 62 7.76 16.64 -11.51
N PRO A 63 6.96 17.31 -12.35
CA PRO A 63 6.01 16.57 -13.18
C PRO A 63 6.74 15.51 -14.00
N HIS A 64 6.13 14.34 -14.13
CA HIS A 64 6.79 13.23 -14.77
C HIS A 64 5.73 12.40 -15.48
N VAL A 65 6.20 11.50 -16.33
CA VAL A 65 5.33 10.64 -17.12
C VAL A 65 5.82 9.22 -16.98
N HIS A 66 4.89 8.29 -16.86
CA HIS A 66 5.20 6.87 -16.90
C HIS A 66 4.58 6.29 -18.16
N GLU A 67 5.16 5.18 -18.61
CA GLU A 67 4.55 4.42 -19.68
C GLU A 67 3.58 3.36 -19.14
N VAL A 68 3.35 3.34 -17.83
CA VAL A 68 2.35 2.44 -17.24
C VAL A 68 1.39 3.27 -16.41
N ASP A 69 0.21 2.70 -16.16
CA ASP A 69 -0.72 3.35 -15.25
C ASP A 69 -0.13 3.41 -13.85
N GLU A 70 -0.43 4.48 -13.12
CA GLU A 70 -0.05 4.60 -11.71
C GLU A 70 -1.28 4.99 -10.89
N LEU A 71 -1.48 4.29 -9.77
CA LEU A 71 -2.54 4.64 -8.82
C LEU A 71 -1.94 5.33 -7.60
N TYR A 72 -2.49 6.48 -7.24
CA TYR A 72 -2.20 7.08 -5.94
C TYR A 72 -3.18 6.53 -4.93
N PHE A 73 -2.64 6.01 -3.82
CA PHE A 73 -3.44 5.47 -2.73
C PHE A 73 -3.11 6.28 -1.49
N LEU A 74 -4.08 7.06 -1.02
CA LEU A 74 -3.93 7.99 0.09
C LEU A 74 -4.75 7.49 1.28
N VAL A 75 -4.08 7.22 2.41
CA VAL A 75 -4.78 6.64 3.57
C VAL A 75 -4.24 7.25 4.85
N SER A 76 -5.07 7.29 5.89
CA SER A 76 -4.68 7.79 7.19
C SER A 76 -5.53 7.10 8.25
N PRO A 77 -5.06 7.04 9.50
CA PRO A 77 -5.86 6.37 10.54
C PRO A 77 -7.29 6.84 10.59
N GLU A 78 -7.53 8.14 10.51
CA GLU A 78 -8.89 8.65 10.47
C GLU A 78 -9.15 9.38 9.16
N PRO A 79 -10.32 9.21 8.56
CA PRO A 79 -10.61 9.86 7.28
C PRO A 79 -10.43 11.36 7.37
N GLY A 80 -9.86 11.95 6.32
CA GLY A 80 -9.70 13.38 6.29
C GLY A 80 -8.41 13.87 6.90
N GLN A 81 -7.62 13.01 7.52
CA GLN A 81 -6.39 13.49 8.15
C GLN A 81 -5.27 13.72 7.15
N ALA A 82 -5.41 13.29 5.90
CA ALA A 82 -4.38 13.51 4.90
C ALA A 82 -5.00 14.08 3.65
N ARG A 83 -4.28 14.99 3.01
CA ARG A 83 -4.76 15.63 1.80
C ARG A 83 -3.57 15.87 0.88
N ILE A 84 -3.69 15.46 -0.38
CA ILE A 84 -2.66 15.79 -1.34
C ILE A 84 -3.31 16.48 -2.52
N GLU A 85 -2.51 17.26 -3.23
CA GLU A 85 -2.89 17.88 -4.49
C GLU A 85 -2.22 17.12 -5.62
N VAL A 86 -3.02 16.56 -6.53
CA VAL A 86 -2.51 15.85 -7.68
C VAL A 86 -2.60 16.77 -8.90
N HIS A 87 -1.46 17.00 -9.54
CA HIS A 87 -1.42 17.71 -10.81
C HIS A 87 -1.53 16.67 -11.92
N LEU A 88 -2.55 16.79 -12.75
CA LEU A 88 -2.79 15.85 -13.83
C LEU A 88 -2.92 16.66 -15.11
N ASP A 89 -1.87 16.68 -15.92
CA ASP A 89 -1.86 17.41 -17.19
C ASP A 89 -2.32 18.85 -16.98
N GLY A 90 -1.68 19.54 -16.03
CA GLY A 90 -1.96 20.93 -15.74
C GLY A 90 -3.26 21.22 -15.02
N VAL A 91 -3.98 20.20 -14.53
CA VAL A 91 -5.21 20.37 -13.77
C VAL A 91 -4.96 19.84 -12.36
N ARG A 92 -5.36 20.59 -11.35
CA ARG A 92 -5.11 20.24 -9.96
C ARG A 92 -6.33 19.57 -9.34
N HIS A 93 -6.09 18.45 -8.65
CA HIS A 93 -7.13 17.69 -7.97
C HIS A 93 -6.74 17.49 -6.51
N GLU A 94 -7.67 17.81 -5.62
CA GLU A 94 -7.44 17.62 -4.19
C GLU A 94 -7.99 16.26 -3.79
N LEU A 95 -7.15 15.42 -3.21
CA LEU A 95 -7.56 14.12 -2.72
C LEU A 95 -7.58 14.17 -1.19
N VAL A 96 -8.61 13.58 -0.61
CA VAL A 96 -8.78 13.54 0.84
C VAL A 96 -8.84 12.07 1.25
N SER A 97 -8.09 11.71 2.30
CA SER A 97 -8.05 10.30 2.69
C SER A 97 -9.41 9.84 3.19
N PRO A 98 -9.83 8.61 2.86
CA PRO A 98 -9.10 7.67 1.99
C PRO A 98 -9.44 7.89 0.53
N ALA A 99 -8.49 7.69 -0.38
CA ALA A 99 -8.79 7.93 -1.79
C ALA A 99 -7.84 7.14 -2.67
N VAL A 100 -8.34 6.75 -3.85
CA VAL A 100 -7.51 6.12 -4.87
C VAL A 100 -7.75 6.86 -6.18
N MET A 101 -6.67 7.25 -6.83
CA MET A 101 -6.76 8.01 -8.07
C MET A 101 -5.90 7.33 -9.14
N ARG A 102 -6.48 7.12 -10.31
CA ARG A 102 -5.74 6.51 -11.42
C ARG A 102 -5.09 7.58 -12.29
N ILE A 103 -3.79 7.44 -12.54
CA ILE A 103 -3.05 8.29 -13.46
C ILE A 103 -2.79 7.49 -14.74
N PRO A 104 -3.48 7.77 -15.85
CA PRO A 104 -3.25 6.99 -17.07
C PRO A 104 -1.82 7.15 -17.57
N ALA A 105 -1.27 6.07 -18.11
CA ALA A 105 0.05 6.11 -18.72
C ALA A 105 0.10 7.24 -19.76
N GLY A 106 1.22 7.96 -19.80
CA GLY A 106 1.36 9.08 -20.71
C GLY A 106 0.93 10.41 -20.14
N SER A 107 0.18 10.43 -19.04
CA SER A 107 -0.28 11.67 -18.43
C SER A 107 0.82 12.26 -17.58
N GLU A 108 1.12 13.55 -17.79
CA GLU A 108 2.07 14.27 -16.95
C GLU A 108 1.46 14.54 -15.57
N HIS A 109 2.23 14.29 -14.52
CA HIS A 109 1.61 14.33 -13.19
C HIS A 109 2.66 14.41 -12.08
N CYS A 110 2.19 14.79 -10.90
CA CYS A 110 2.96 14.78 -9.65
C CYS A 110 1.98 15.12 -8.54
N PHE A 111 2.44 14.99 -7.28
CA PHE A 111 1.59 15.36 -6.16
C PHE A 111 2.36 16.22 -5.16
N LEU A 112 1.59 17.00 -4.42
CA LEU A 112 2.08 17.88 -3.36
C LEU A 112 1.25 17.57 -2.11
N THR A 113 1.93 17.33 -0.99
CA THR A 113 1.24 17.06 0.26
C THR A 113 0.71 18.37 0.83
N LEU A 114 -0.60 18.45 1.03
CA LEU A 114 -1.25 19.60 1.62
C LEU A 114 -1.37 19.46 3.13
N GLU A 115 -1.62 18.24 3.61
CA GLU A 115 -1.91 18.04 5.02
C GLU A 115 -1.66 16.58 5.34
N ALA A 116 -1.08 16.31 6.50
CA ALA A 116 -0.75 14.93 6.86
C ALA A 116 -0.46 14.83 8.35
N THR A 117 -1.16 13.93 9.04
CA THR A 117 -0.85 13.47 10.39
C THR A 117 0.21 12.38 10.35
N VAL A 118 0.78 12.10 11.52
CA VAL A 118 1.59 10.91 11.67
C VAL A 118 0.73 9.70 11.31
N GLY A 119 1.25 8.84 10.46
CA GLY A 119 0.46 7.73 9.99
C GLY A 119 -0.31 7.98 8.72
N SER A 120 -0.13 9.14 8.07
CA SER A 120 -0.70 9.36 6.74
C SER A 120 0.29 8.84 5.70
N TYR A 121 -0.24 8.16 4.68
CA TYR A 121 0.61 7.59 3.64
C TYR A 121 0.03 7.91 2.28
N CYS A 122 0.92 8.13 1.32
CA CYS A 122 0.58 8.03 -0.09
C CYS A 122 1.45 6.98 -0.72
N PHE A 123 0.82 6.00 -1.35
CA PHE A 123 1.55 4.99 -2.12
C PHE A 123 1.24 5.17 -3.60
N GLY A 124 2.27 5.10 -4.42
CA GLY A 124 2.11 5.03 -5.86
C GLY A 124 2.23 3.60 -6.30
N ILE A 125 1.21 3.11 -6.99
CA ILE A 125 1.17 1.72 -7.43
C ILE A 125 1.26 1.72 -8.95
N LEU A 126 2.41 1.31 -9.46
CA LEU A 126 2.61 1.17 -10.91
C LEU A 126 1.99 -0.14 -11.36
N VAL A 127 1.05 -0.07 -12.30
CA VAL A 127 0.29 -1.23 -12.75
C VAL A 127 0.91 -1.76 -14.04
N GLY A 128 1.37 -3.01 -14.00
CA GLY A 128 2.25 -3.57 -15.01
C GLY A 128 1.72 -3.85 -16.41
N ASP A 129 0.50 -3.42 -16.74
CA ASP A 129 -0.04 -3.58 -18.12
C ASP A 129 -0.31 -5.03 -18.50
N ALA B 12 -11.18 12.80 -14.65
CA ALA B 12 -10.24 12.21 -13.70
C ALA B 12 -10.91 11.07 -12.93
N GLU B 13 -10.21 9.95 -12.77
CA GLU B 13 -10.79 8.78 -12.12
C GLU B 13 -10.33 8.73 -10.67
N ILE B 14 -11.24 9.07 -9.78
CA ILE B 14 -10.99 9.13 -8.34
C ILE B 14 -12.06 8.29 -7.68
N VAL B 15 -11.64 7.40 -6.78
CA VAL B 15 -12.56 6.60 -5.97
C VAL B 15 -12.42 7.08 -4.53
N THR B 16 -13.53 7.48 -3.92
CA THR B 16 -13.50 7.93 -2.53
C THR B 16 -14.42 7.16 -1.60
N ALA B 17 -15.28 6.29 -2.13
CA ALA B 17 -16.17 5.47 -1.30
C ALA B 17 -15.40 4.24 -0.83
N LEU B 18 -14.57 4.46 0.20
CA LEU B 18 -13.59 3.48 0.64
C LEU B 18 -13.52 3.51 2.16
N PRO B 19 -13.16 2.38 2.79
CA PRO B 19 -12.93 1.06 2.16
C PRO B 19 -14.23 0.38 1.70
N VAL B 20 -14.11 -0.62 0.84
CA VAL B 20 -15.26 -1.43 0.40
C VAL B 20 -15.27 -2.70 1.24
N PRO B 21 -16.29 -2.94 2.06
CA PRO B 21 -16.32 -4.19 2.84
C PRO B 21 -16.65 -5.37 1.94
N LEU B 22 -15.78 -6.37 1.92
CA LEU B 22 -15.98 -7.58 1.13
C LEU B 22 -15.71 -8.80 2.00
N ALA B 23 -16.54 -9.83 1.83
CA ALA B 23 -16.43 -11.06 2.59
C ALA B 23 -15.25 -11.91 2.11
N VAL B 24 -14.57 -12.53 3.07
CA VAL B 24 -13.44 -13.42 2.80
C VAL B 24 -13.59 -14.74 3.56
N PRO B 30 -16.01 -9.16 7.49
CA PRO B 30 -15.72 -8.67 6.13
C PRO B 30 -14.50 -7.73 6.11
N ALA B 31 -13.63 -7.91 5.13
CA ALA B 31 -12.37 -7.19 5.08
C ALA B 31 -12.53 -5.82 4.40
N PRO B 32 -11.79 -4.81 4.85
CA PRO B 32 -11.90 -3.49 4.22
C PRO B 32 -10.98 -3.37 3.02
N PHE B 33 -11.56 -3.28 1.82
CA PHE B 33 -10.76 -3.24 0.60
C PHE B 33 -10.58 -1.80 0.13
N TYR B 34 -9.35 -1.47 -0.29
CA TYR B 34 -9.06 -0.18 -0.89
C TYR B 34 -8.81 -0.28 -2.40
N LEU B 35 -8.36 -1.44 -2.88
CA LEU B 35 -8.32 -1.74 -4.30
C LEU B 35 -9.08 -3.02 -4.53
N THR B 36 -10.02 -3.01 -5.45
CA THR B 36 -10.76 -4.20 -5.84
C THR B 36 -10.50 -4.46 -7.32
N ALA B 37 -10.68 -5.73 -7.72
CA ALA B 37 -10.26 -6.15 -9.04
C ALA B 37 -11.03 -5.45 -10.15
N ASP B 38 -12.21 -4.92 -9.86
CA ASP B 38 -13.02 -4.26 -10.88
C ASP B 38 -12.74 -2.77 -11.03
N MET B 39 -11.93 -2.14 -10.17
CA MET B 39 -11.71 -0.71 -10.29
C MET B 39 -10.98 -0.38 -11.58
N PHE B 40 -11.33 0.78 -12.16
CA PHE B 40 -10.58 1.36 -13.28
C PHE B 40 -10.49 0.43 -14.49
N GLY B 41 -11.57 -0.30 -14.77
CA GLY B 41 -11.57 -1.24 -15.88
C GLY B 41 -10.89 -2.57 -15.60
N GLY B 42 -10.44 -2.82 -14.37
CA GLY B 42 -9.82 -4.10 -14.04
C GLY B 42 -8.41 -3.90 -13.52
N LEU B 43 -8.14 -4.50 -12.36
CA LEU B 43 -6.82 -4.42 -11.74
C LEU B 43 -6.27 -5.83 -11.55
N PRO B 44 -4.95 -6.02 -11.60
CA PRO B 44 -4.39 -7.36 -11.36
C PRO B 44 -4.15 -7.67 -9.90
N VAL B 45 -4.54 -6.79 -8.98
CA VAL B 45 -4.42 -7.04 -7.55
C VAL B 45 -5.69 -6.58 -6.87
N GLN B 46 -5.91 -7.08 -5.66
CA GLN B 46 -6.82 -6.46 -4.73
C GLN B 46 -6.05 -6.16 -3.45
N LEU B 47 -6.43 -5.09 -2.77
CA LEU B 47 -5.68 -4.63 -1.62
C LEU B 47 -6.66 -4.34 -0.51
N ALA B 48 -6.47 -5.03 0.62
CA ALA B 48 -7.29 -4.86 1.80
C ALA B 48 -6.34 -4.60 2.98
N GLY B 49 -6.88 -3.97 4.01
CA GLY B 49 -6.14 -3.83 5.24
C GLY B 49 -6.68 -2.69 6.08
N GLY B 50 -5.89 -2.32 7.09
CA GLY B 50 -6.35 -1.32 8.04
C GLY B 50 -5.25 -1.04 9.05
N GLU B 51 -5.45 0.03 9.81
CA GLU B 51 -4.40 0.39 10.73
C GLU B 51 -4.47 -0.51 11.96
N LEU B 52 -3.29 -0.78 12.54
CA LEU B 52 -3.14 -1.90 13.45
C LEU B 52 -3.21 -1.53 14.92
N SER B 53 -3.19 -0.24 15.27
CA SER B 53 -3.13 0.12 16.69
C SER B 53 -4.38 -0.33 17.42
N LYS B 54 -5.51 -0.49 16.72
CA LYS B 54 -6.73 -0.96 17.36
C LYS B 54 -6.92 -2.46 17.20
N LEU B 55 -5.97 -3.16 16.58
CA LEU B 55 -6.05 -4.60 16.43
C LEU B 55 -5.09 -5.33 17.37
N VAL B 56 -4.38 -4.63 18.24
CA VAL B 56 -3.36 -5.24 19.08
C VAL B 56 -3.93 -6.27 20.06
N LYS B 58 -7.27 -7.45 19.78
CA LYS B 58 -7.69 -8.69 19.13
C LYS B 58 -6.83 -9.88 19.67
N PRO B 59 -7.44 -10.72 20.52
CA PRO B 59 -6.73 -11.90 21.05
C PRO B 59 -6.61 -13.08 20.11
N VAL B 60 -7.38 -13.12 19.01
CA VAL B 60 -7.51 -14.27 18.13
C VAL B 60 -7.53 -13.82 16.67
N ALA B 61 -7.30 -14.78 15.76
CA ALA B 61 -7.40 -14.53 14.32
C ALA B 61 -7.64 -15.86 13.60
N ALA B 62 -8.43 -15.80 12.49
CA ALA B 62 -8.98 -17.01 11.87
C ALA B 62 -8.14 -17.54 10.72
N PRO B 63 -7.59 -18.76 10.78
CA PRO B 63 -6.85 -19.29 9.63
C PRO B 63 -7.76 -19.44 8.42
N HIS B 64 -7.23 -19.13 7.24
CA HIS B 64 -8.02 -19.20 6.01
C HIS B 64 -7.09 -19.44 4.83
N VAL B 65 -7.66 -19.79 3.67
CA VAL B 65 -6.92 -19.98 2.44
C VAL B 65 -7.59 -19.20 1.31
N HIS B 66 -6.76 -18.69 0.40
CA HIS B 66 -7.19 -18.03 -0.84
C HIS B 66 -6.81 -18.88 -2.04
N GLU B 67 -7.49 -18.63 -3.15
CA GLU B 67 -7.16 -19.28 -4.41
C GLU B 67 -6.06 -18.55 -5.19
N VAL B 68 -5.58 -17.42 -4.68
CA VAL B 68 -4.49 -16.66 -5.26
C VAL B 68 -3.46 -16.36 -4.18
N ASP B 69 -2.27 -15.98 -4.61
CA ASP B 69 -1.25 -15.55 -3.66
C ASP B 69 -1.70 -14.29 -2.94
N GLU B 70 -1.27 -14.16 -1.69
CA GLU B 70 -1.50 -12.96 -0.91
C GLU B 70 -0.18 -12.48 -0.35
N LEU B 71 0.09 -11.18 -0.49
CA LEU B 71 1.25 -10.57 0.11
C LEU B 71 0.80 -9.75 1.32
N TYR B 72 1.42 -10.00 2.47
CA TYR B 72 1.29 -9.11 3.61
C TYR B 72 2.31 -8.01 3.47
N PHE B 73 1.86 -6.77 3.59
CA PHE B 73 2.71 -5.59 3.60
C PHE B 73 2.52 -4.88 4.93
N LEU B 74 3.56 -4.88 5.76
CA LEU B 74 3.54 -4.31 7.10
C LEU B 74 4.39 -3.03 7.13
N VAL B 75 3.78 -1.90 7.50
CA VAL B 75 4.46 -0.60 7.58
C VAL B 75 4.07 0.13 8.85
N SER B 76 4.95 1.01 9.28
CA SER B 76 4.70 1.91 10.41
C SER B 76 5.42 3.22 10.12
N PRO B 77 4.98 4.32 10.74
CA PRO B 77 5.62 5.62 10.47
C PRO B 77 7.13 5.59 10.64
N GLU B 78 7.62 4.94 11.69
CA GLU B 78 9.05 4.73 11.84
C GLU B 78 9.35 3.23 11.83
N PRO B 79 10.45 2.81 11.23
CA PRO B 79 10.75 1.37 11.18
C PRO B 79 10.76 0.75 12.56
N GLY B 80 10.26 -0.48 12.65
CA GLY B 80 10.30 -1.23 13.88
C GLY B 80 9.13 -1.01 14.83
N GLN B 81 8.24 -0.04 14.53
CA GLN B 81 7.13 0.28 15.44
C GLN B 81 5.93 -0.65 15.34
N ALA B 82 5.90 -1.61 14.41
CA ALA B 82 4.79 -2.54 14.33
C ALA B 82 5.33 -3.96 14.22
N ARG B 83 4.60 -4.89 14.82
CA ARG B 83 5.08 -6.27 14.93
C ARG B 83 3.88 -7.19 14.80
N ILE B 84 3.95 -8.17 13.91
CA ILE B 84 2.88 -9.15 13.75
C ILE B 84 3.44 -10.56 13.84
N GLU B 85 2.55 -11.49 14.15
CA GLU B 85 2.80 -12.92 14.04
C GLU B 85 2.04 -13.43 12.84
N VAL B 86 2.74 -14.03 11.88
CA VAL B 86 2.08 -14.65 10.74
C VAL B 86 2.14 -16.16 10.94
N HIS B 87 0.98 -16.80 11.01
CA HIS B 87 0.91 -18.26 11.07
C HIS B 87 0.72 -18.81 9.66
N LEU B 88 1.68 -19.60 9.20
CA LEU B 88 1.63 -20.15 7.85
C LEU B 88 1.87 -21.65 7.94
N ASP B 89 0.80 -22.42 7.74
CA ASP B 89 0.90 -23.87 7.67
C ASP B 89 1.66 -24.44 8.86
N GLY B 90 1.19 -24.09 10.06
CA GLY B 90 1.77 -24.61 11.29
C GLY B 90 3.10 -24.02 11.71
N VAL B 91 3.59 -22.94 11.08
CA VAL B 91 4.80 -22.26 11.53
C VAL B 91 4.50 -20.80 11.86
N ARG B 92 5.03 -20.33 12.98
CA ARG B 92 4.80 -18.97 13.45
C ARG B 92 5.98 -18.09 13.01
N HIS B 93 5.68 -16.93 12.45
CA HIS B 93 6.70 -16.00 11.99
C HIS B 93 6.49 -14.65 12.66
N GLU B 94 7.52 -14.08 13.29
CA GLU B 94 7.39 -12.77 13.88
C GLU B 94 8.07 -11.75 12.99
N LEU B 95 7.27 -10.83 12.45
CA LEU B 95 7.73 -9.83 11.49
C LEU B 95 7.65 -8.43 12.09
N VAL B 96 8.66 -7.63 11.77
CA VAL B 96 8.82 -6.26 12.27
C VAL B 96 8.82 -5.33 11.07
N SER B 97 8.08 -4.23 11.19
CA SER B 97 7.92 -3.30 10.07
C SER B 97 9.24 -2.64 9.70
N PRO B 98 9.51 -2.40 8.41
CA PRO B 98 8.66 -2.78 7.27
C PRO B 98 8.93 -4.21 6.84
N ALA B 99 7.92 -4.93 6.38
CA ALA B 99 8.13 -6.31 5.93
C ALA B 99 7.07 -6.66 4.91
N VAL B 100 7.45 -7.54 3.99
CA VAL B 100 6.53 -8.11 3.00
C VAL B 100 6.70 -9.62 3.02
N MET B 101 5.58 -10.34 3.10
CA MET B 101 5.64 -11.80 3.16
C MET B 101 4.67 -12.38 2.14
N ARG B 102 5.14 -13.34 1.36
CA ARG B 102 4.29 -13.97 0.37
C ARG B 102 3.58 -15.16 0.98
N ILE B 103 2.26 -15.20 0.84
CA ILE B 103 1.45 -16.34 1.27
C ILE B 103 1.02 -17.08 0.02
N PRO B 104 1.61 -18.24 -0.29
CA PRO B 104 1.26 -18.94 -1.55
C PRO B 104 -0.21 -19.34 -1.57
N ALA B 105 -0.81 -19.29 -2.75
CA ALA B 105 -2.19 -19.74 -2.91
C ALA B 105 -2.37 -21.15 -2.36
N GLY B 106 -3.47 -21.36 -1.65
CA GLY B 106 -3.78 -22.63 -1.03
C GLY B 106 -3.25 -22.80 0.39
N SER B 107 -2.30 -21.97 0.82
CA SER B 107 -1.70 -22.12 2.15
C SER B 107 -2.61 -21.55 3.24
N GLU B 108 -2.81 -22.34 4.28
CA GLU B 108 -3.58 -21.88 5.43
C GLU B 108 -2.77 -20.86 6.22
N HIS B 109 -3.40 -19.75 6.60
CA HIS B 109 -2.62 -18.64 7.15
C HIS B 109 -3.54 -17.64 7.85
N CYS B 110 -2.93 -16.80 8.68
CA CYS B 110 -3.55 -15.64 9.29
C CYS B 110 -2.45 -14.87 10.00
N PHE B 111 -2.80 -13.68 10.48
CA PHE B 111 -1.82 -12.90 11.23
C PHE B 111 -2.46 -12.29 12.45
N LEU B 112 -1.61 -12.01 13.43
CA LEU B 112 -2.04 -11.41 14.67
C LEU B 112 -1.14 -10.21 14.96
N THR B 113 -1.72 -9.09 15.34
CA THR B 113 -0.93 -7.90 15.66
C THR B 113 -0.41 -7.96 17.09
N LEU B 114 0.92 -7.93 17.26
CA LEU B 114 1.48 -7.92 18.62
C LEU B 114 1.66 -6.53 19.17
N GLU B 115 2.06 -5.61 18.31
CA GLU B 115 2.48 -4.30 18.77
C GLU B 115 2.34 -3.37 17.58
N ALA B 116 1.84 -2.16 17.82
CA ALA B 116 1.60 -1.23 16.73
C ALA B 116 1.40 0.18 17.27
N THR B 117 2.15 1.14 16.75
CA THR B 117 1.85 2.52 17.01
C THR B 117 0.70 2.97 16.10
N VAL B 118 0.06 4.07 16.48
CA VAL B 118 -0.97 4.65 15.64
C VAL B 118 -0.38 5.00 14.28
N GLY B 119 -1.07 4.60 13.22
CA GLY B 119 -0.52 4.80 11.90
C GLY B 119 0.28 3.65 11.35
N SER B 120 0.30 2.52 12.05
CA SER B 120 0.85 1.28 11.53
C SER B 120 -0.23 0.56 10.72
N TYR B 121 0.18 -0.07 9.62
CA TYR B 121 -0.74 -0.77 8.74
C TYR B 121 -0.21 -2.14 8.38
N CYS B 122 -1.13 -3.08 8.22
CA CYS B 122 -0.86 -4.29 7.46
C CYS B 122 -1.88 -4.35 6.33
N PHE B 123 -1.39 -4.51 5.11
CA PHE B 123 -2.25 -4.69 3.95
C PHE B 123 -2.08 -6.11 3.44
N GLY B 124 -3.18 -6.75 3.06
CA GLY B 124 -3.14 -8.00 2.35
C GLY B 124 -3.40 -7.74 0.89
N ILE B 125 -2.44 -8.12 0.04
CA ILE B 125 -2.51 -7.85 -1.39
C ILE B 125 -2.68 -9.18 -2.12
N LEU B 126 -3.87 -9.39 -2.66
CA LEU B 126 -4.16 -10.58 -3.44
C LEU B 126 -3.62 -10.37 -4.83
N VAL B 127 -2.73 -11.26 -5.28
CA VAL B 127 -2.05 -11.07 -6.56
C VAL B 127 -2.72 -11.96 -7.59
N GLY B 128 -3.31 -11.34 -8.61
CA GLY B 128 -4.12 -12.06 -9.58
C GLY B 128 -3.24 -12.93 -10.47
#